data_1EFY
#
_entry.id   1EFY
#
_cell.length_a   59.36
_cell.length_b   64.26
_cell.length_c   96.98
_cell.angle_alpha   90.0
_cell.angle_beta   90.0
_cell.angle_gamma   90.0
#
_symmetry.space_group_name_H-M   'P 21 21 21'
#
loop_
_entity.id
_entity.type
_entity.pdbx_description
1 polymer 'POLY (ADP-RIBOSE) POLYMERASE'
2 non-polymer "2-(3'-METHOXYPHENYL) BENZIMIDAZOLE-4-CARBOXAMIDE"
3 water water
#
_entity_poly.entity_id   1
_entity_poly.type   'polypeptide(L)'
_entity_poly.pdbx_seq_one_letter_code
;KSKLAKPIQDLIKMIFDVESMKKAMVEFEIDLQKMPLGKLSKRQIQSAYSILNEVQQAVSDGGSESQILDLSNRFYTLIP
HDFGMKKPPLLSNLEYIQAKVQMLDNLLDIEVAYSLLRGGNEDGDKDPIDINYEKLRTDIKVVDKDSEEAKIIKQYVKNT
HAATHNAYDLKVVEIFRIEREGESQRYKPFKQLHNRQLLWHGSRTTNFAGILSQGLRIAPPEAPVTGYMFGKGIYFADMV
SKSANYCHTSQADPIGLILLGEVALGNMYELKNASHITKLPKGKHSVKGLGKTAPDPTATTTLDGVEVPLGNGISTGIND
TCLLYNEYIVYDVAQVNLKYLLKLKFNYKT
;
_entity_poly.pdbx_strand_id   A
#
loop_
_chem_comp.id
_chem_comp.type
_chem_comp.name
_chem_comp.formula
BZC non-polymer '2-(3'-METHOXYPHENYL) BENZIMIDAZOLE-4-CARBOXAMIDE' 'C15 H13 N3 O2'
#
# COMPACT_ATOMS: atom_id res chain seq x y z
N LYS A 1 19.15 9.17 -25.71
CA LYS A 1 18.94 9.22 -24.24
C LYS A 1 18.34 7.90 -23.70
N SER A 2 17.21 8.01 -23.00
CA SER A 2 16.52 6.86 -22.43
C SER A 2 15.95 5.96 -23.51
N LYS A 3 16.18 4.67 -23.35
CA LYS A 3 15.71 3.67 -24.30
C LYS A 3 14.24 3.32 -24.03
N LEU A 4 13.77 3.69 -22.84
CA LEU A 4 12.40 3.42 -22.39
C LEU A 4 11.30 4.18 -23.13
N ALA A 5 10.09 3.64 -23.08
CA ALA A 5 8.92 4.26 -23.72
C ALA A 5 8.49 5.46 -22.87
N LYS A 6 8.00 6.48 -23.54
CA LYS A 6 7.56 7.72 -22.91
C LYS A 6 6.83 7.55 -21.57
N PRO A 7 5.71 6.77 -21.53
CA PRO A 7 4.95 6.58 -20.28
C PRO A 7 5.76 5.99 -19.14
N ILE A 8 6.68 5.09 -19.48
CA ILE A 8 7.55 4.44 -18.49
C ILE A 8 8.55 5.47 -17.95
N GLN A 9 9.01 6.37 -18.82
CA GLN A 9 9.94 7.43 -18.44
C GLN A 9 9.27 8.33 -17.41
N ASP A 10 8.04 8.72 -17.71
CA ASP A 10 7.27 9.57 -16.81
C ASP A 10 6.87 8.86 -15.52
N LEU A 11 6.86 7.53 -15.54
CA LEU A 11 6.51 6.76 -14.35
C LEU A 11 7.72 6.74 -13.41
N ILE A 12 8.90 6.55 -13.97
CA ILE A 12 10.15 6.52 -13.20
C ILE A 12 10.40 7.87 -12.49
N LYS A 13 10.23 8.96 -13.23
CA LYS A 13 10.43 10.31 -12.70
C LYS A 13 9.50 10.60 -11.52
N MET A 14 8.24 10.18 -11.64
CA MET A 14 7.24 10.39 -10.61
C MET A 14 7.55 9.57 -9.35
N ILE A 15 8.02 8.35 -9.58
CA ILE A 15 8.35 7.41 -8.53
C ILE A 15 9.54 7.85 -7.67
N PHE A 16 10.58 8.38 -8.32
CA PHE A 16 11.79 8.81 -7.61
C PHE A 16 11.84 10.31 -7.31
N ASP A 17 10.69 10.97 -7.39
CA ASP A 17 10.64 12.41 -7.13
C ASP A 17 10.99 12.76 -5.68
N VAL A 18 12.08 13.50 -5.52
CA VAL A 18 12.57 13.92 -4.20
C VAL A 18 11.63 14.88 -3.47
N GLU A 19 11.03 15.81 -4.21
CA GLU A 19 10.11 16.77 -3.62
C GLU A 19 8.89 16.10 -3.00
N SER A 20 8.44 15.01 -3.62
CA SER A 20 7.29 14.26 -3.12
C SER A 20 7.67 13.55 -1.83
N MET A 21 8.88 13.00 -1.77
CA MET A 21 9.35 12.33 -0.56
C MET A 21 9.34 13.31 0.63
N LYS A 22 9.77 14.55 0.38
CA LYS A 22 9.80 15.58 1.43
C LYS A 22 8.38 16.02 1.79
N LYS A 23 7.53 16.18 0.78
CA LYS A 23 6.15 16.58 1.03
C LYS A 23 5.48 15.57 1.95
N ALA A 24 5.77 14.28 1.74
CA ALA A 24 5.21 13.20 2.55
C ALA A 24 5.65 13.34 4.00
N MET A 25 6.95 13.55 4.21
CA MET A 25 7.50 13.70 5.55
C MET A 25 6.94 14.90 6.28
N VAL A 26 6.70 15.98 5.55
CA VAL A 26 6.13 17.20 6.12
C VAL A 26 4.70 16.93 6.56
N GLU A 27 3.97 16.17 5.76
CA GLU A 27 2.59 15.83 6.10
C GLU A 27 2.54 15.02 7.40
N PHE A 28 3.60 14.24 7.63
CA PHE A 28 3.71 13.41 8.83
C PHE A 28 4.21 14.24 10.01
N GLU A 29 4.34 15.55 9.80
CA GLU A 29 4.80 16.50 10.82
C GLU A 29 6.24 16.32 11.27
N ILE A 30 7.05 15.70 10.44
CA ILE A 30 8.45 15.50 10.75
C ILE A 30 9.19 16.84 10.51
N ASP A 31 10.24 17.07 11.28
CA ASP A 31 11.05 18.29 11.17
C ASP A 31 12.16 18.05 10.15
N LEU A 32 11.97 18.57 8.94
CA LEU A 32 12.95 18.39 7.87
C LEU A 32 14.28 19.12 8.11
N GLN A 33 14.28 20.10 9.00
CA GLN A 33 15.52 20.81 9.29
C GLN A 33 16.40 20.02 10.24
N LYS A 34 15.77 19.29 11.16
CA LYS A 34 16.51 18.45 12.10
C LYS A 34 16.70 17.04 11.56
N MET A 35 15.81 16.62 10.65
CA MET A 35 15.95 15.31 10.03
C MET A 35 15.62 15.30 8.55
N PRO A 36 16.63 15.60 7.73
CA PRO A 36 16.49 15.64 6.29
C PRO A 36 16.39 14.21 5.73
N LEU A 37 16.00 14.12 4.46
CA LEU A 37 15.88 12.84 3.78
C LEU A 37 17.11 11.94 3.94
N GLY A 38 18.29 12.53 3.91
CA GLY A 38 19.51 11.75 4.04
C GLY A 38 19.78 11.06 5.38
N LYS A 39 19.16 11.58 6.44
CA LYS A 39 19.35 11.04 7.78
C LYS A 39 18.59 9.74 8.08
N LEU A 40 17.54 9.47 7.30
CA LEU A 40 16.72 8.27 7.46
C LEU A 40 17.53 6.98 7.46
N SER A 41 17.36 6.19 8.53
CA SER A 41 18.06 4.92 8.70
C SER A 41 17.06 3.76 8.92
N LYS A 42 17.41 2.57 8.45
CA LYS A 42 16.56 1.38 8.62
C LYS A 42 16.46 1.00 10.08
N ARG A 43 17.61 1.01 10.76
CA ARG A 43 17.66 0.66 12.18
C ARG A 43 17.01 1.73 13.05
N GLN A 44 16.97 2.95 12.53
CA GLN A 44 16.34 4.09 13.20
C GLN A 44 14.83 3.85 13.22
N ILE A 45 14.30 3.47 12.06
CA ILE A 45 12.89 3.20 11.89
C ILE A 45 12.49 1.97 12.71
N GLN A 46 13.33 0.94 12.66
CA GLN A 46 13.11 -0.29 13.41
C GLN A 46 13.00 -0.01 14.92
N SER A 47 13.86 0.85 15.44
CA SER A 47 13.81 1.21 16.85
C SER A 47 12.59 2.02 17.20
N ALA A 48 12.16 2.88 16.29
CA ALA A 48 10.97 3.69 16.53
C ALA A 48 9.74 2.78 16.67
N TYR A 49 9.68 1.69 15.89
CA TYR A 49 8.56 0.74 15.96
C TYR A 49 8.52 0.08 17.34
N SER A 50 9.68 -0.31 17.85
CA SER A 50 9.76 -0.94 19.16
C SER A 50 9.35 0.01 20.27
N ILE A 51 9.64 1.31 20.09
CA ILE A 51 9.25 2.30 21.09
C ILE A 51 7.73 2.43 21.06
N LEU A 52 7.14 2.43 19.88
CA LEU A 52 5.69 2.52 19.72
C LEU A 52 5.02 1.26 20.26
N ASN A 53 5.71 0.14 20.18
CA ASN A 53 5.17 -1.09 20.67
C ASN A 53 5.09 -1.04 22.19
N GLU A 54 6.15 -0.60 22.85
CA GLU A 54 6.13 -0.48 24.31
C GLU A 54 5.08 0.50 24.83
N VAL A 55 5.04 1.71 24.25
CA VAL A 55 4.09 2.73 24.69
C VAL A 55 2.64 2.32 24.47
N GLN A 56 2.44 1.47 23.46
CA GLN A 56 1.11 0.97 23.15
C GLN A 56 0.71 0.01 24.27
N GLN A 57 1.69 -0.76 24.75
CA GLN A 57 1.44 -1.70 25.84
C GLN A 57 1.11 -0.95 27.12
N ALA A 58 1.95 0.04 27.42
CA ALA A 58 1.78 0.85 28.62
C ALA A 58 0.42 1.52 28.70
N VAL A 59 -0.06 2.06 27.58
CA VAL A 59 -1.38 2.73 27.55
C VAL A 59 -2.51 1.73 27.77
N SER A 60 -2.51 0.65 26.99
CA SER A 60 -3.56 -0.34 27.11
C SER A 60 -3.57 -1.11 28.42
N ASP A 61 -2.40 -1.33 29.00
CA ASP A 61 -2.30 -2.07 30.26
C ASP A 61 -2.27 -1.24 31.56
N GLY A 62 -2.50 0.06 31.44
CA GLY A 62 -2.49 0.92 32.63
C GLY A 62 -1.12 1.17 33.22
N GLY A 63 -0.20 1.62 32.36
CA GLY A 63 1.16 1.90 32.79
C GLY A 63 1.28 3.22 33.52
N SER A 64 2.44 3.41 34.15
CA SER A 64 2.71 4.64 34.89
C SER A 64 2.69 5.81 33.92
N GLU A 65 2.21 6.97 34.37
CA GLU A 65 2.17 8.14 33.51
C GLU A 65 3.59 8.62 33.18
N SER A 66 4.56 8.27 34.02
CA SER A 66 5.93 8.66 33.81
C SER A 66 6.62 7.83 32.73
N GLN A 67 6.15 6.60 32.53
CA GLN A 67 6.72 5.73 31.50
C GLN A 67 6.29 6.22 30.13
N ILE A 68 5.00 6.53 30.00
CA ILE A 68 4.44 7.02 28.75
C ILE A 68 5.11 8.33 28.34
N LEU A 69 5.42 9.18 29.32
CA LEU A 69 6.09 10.45 29.07
C LEU A 69 7.51 10.13 28.62
N ASP A 70 8.15 9.19 29.28
CA ASP A 70 9.52 8.83 28.91
C ASP A 70 9.59 8.29 27.50
N LEU A 71 8.66 7.41 27.16
CA LEU A 71 8.63 6.82 25.83
C LEU A 71 8.35 7.91 24.79
N SER A 72 7.44 8.83 25.13
CA SER A 72 7.11 9.94 24.23
C SER A 72 8.35 10.76 23.88
N ASN A 73 9.12 11.12 24.91
CA ASN A 73 10.33 11.91 24.72
C ASN A 73 11.38 11.18 23.92
N ARG A 74 11.47 9.87 24.12
CA ARG A 74 12.43 9.08 23.38
C ARG A 74 12.06 8.96 21.90
N PHE A 75 10.76 8.88 21.63
CA PHE A 75 10.28 8.78 20.26
C PHE A 75 10.57 10.05 19.43
N TYR A 76 10.22 11.21 20.00
CA TYR A 76 10.42 12.50 19.34
C TYR A 76 11.89 12.90 19.23
N THR A 77 12.72 12.38 20.14
CA THR A 77 14.14 12.65 20.08
C THR A 77 14.74 11.85 18.93
N LEU A 78 14.20 10.64 18.73
CA LEU A 78 14.64 9.76 17.68
C LEU A 78 14.18 10.28 16.32
N ILE A 79 12.93 10.72 16.25
CA ILE A 79 12.37 11.25 15.03
C ILE A 79 11.85 12.65 15.33
N PRO A 80 12.66 13.67 15.06
CA PRO A 80 12.30 15.06 15.30
C PRO A 80 11.04 15.49 14.56
N HIS A 81 10.11 16.09 15.30
CA HIS A 81 8.83 16.57 14.79
C HIS A 81 8.71 18.08 14.87
N ASP A 82 7.91 18.64 13.98
CA ASP A 82 7.67 20.08 13.92
C ASP A 82 6.18 20.35 14.08
N PHE A 83 5.74 20.65 15.31
CA PHE A 83 4.34 20.92 15.62
C PHE A 83 3.93 22.40 15.64
N GLY A 84 4.84 23.27 15.19
CA GLY A 84 4.56 24.70 15.17
C GLY A 84 4.62 25.35 16.54
N MET A 85 3.79 26.37 16.77
CA MET A 85 3.76 27.04 18.07
C MET A 85 2.74 26.29 18.92
N LYS A 86 2.70 24.99 18.72
CA LYS A 86 1.78 24.10 19.40
C LYS A 86 2.56 23.14 20.29
N LYS A 87 1.95 22.73 21.38
CA LYS A 87 2.57 21.79 22.30
C LYS A 87 2.57 20.40 21.67
N PRO A 88 3.69 19.68 21.74
CA PRO A 88 3.82 18.32 21.17
C PRO A 88 2.91 17.35 21.90
N PRO A 89 2.01 16.66 21.17
CA PRO A 89 1.11 15.71 21.83
C PRO A 89 1.84 14.44 22.30
N LEU A 90 1.46 13.96 23.47
CA LEU A 90 2.09 12.75 24.00
C LEU A 90 1.49 11.53 23.31
N LEU A 91 2.28 10.46 23.24
CA LEU A 91 1.83 9.20 22.63
C LEU A 91 0.99 8.48 23.68
N SER A 92 -0.09 9.12 24.15
CA SER A 92 -0.91 8.55 25.20
C SER A 92 -2.29 7.99 24.84
N ASN A 93 -2.66 8.04 23.56
CA ASN A 93 -3.93 7.47 23.14
C ASN A 93 -3.63 6.56 21.96
N LEU A 94 -4.40 5.49 21.84
CA LEU A 94 -4.18 4.51 20.79
C LEU A 94 -4.33 5.01 19.35
N GLU A 95 -5.12 6.05 19.14
CA GLU A 95 -5.31 6.56 17.79
C GLU A 95 -4.12 7.34 17.27
N TYR A 96 -3.48 8.13 18.14
CA TYR A 96 -2.30 8.91 17.74
C TYR A 96 -1.16 7.92 17.53
N ILE A 97 -1.04 6.95 18.43
CA ILE A 97 -0.01 5.93 18.34
C ILE A 97 -0.15 5.16 17.03
N GLN A 98 -1.40 4.92 16.62
CA GLN A 98 -1.72 4.23 15.37
C GLN A 98 -1.26 5.06 14.19
N ALA A 99 -1.56 6.35 14.22
CA ALA A 99 -1.16 7.27 13.17
C ALA A 99 0.37 7.24 13.00
N LYS A 100 1.10 7.12 14.11
CA LYS A 100 2.56 7.10 14.05
C LYS A 100 3.16 5.79 13.49
N VAL A 101 2.48 4.66 13.73
CA VAL A 101 2.93 3.36 13.23
C VAL A 101 2.87 3.38 11.70
N GLN A 102 1.83 4.02 11.16
CA GLN A 102 1.66 4.13 9.72
C GLN A 102 2.66 5.10 9.09
N MET A 103 3.09 6.10 9.85
CA MET A 103 4.09 7.05 9.36
C MET A 103 5.34 6.23 9.10
N LEU A 104 5.65 5.34 10.04
CA LEU A 104 6.84 4.47 9.93
C LEU A 104 6.76 3.48 8.75
N ASP A 105 5.56 2.96 8.46
CA ASP A 105 5.40 2.03 7.33
C ASP A 105 5.82 2.76 6.05
N ASN A 106 5.43 4.03 5.94
CA ASN A 106 5.77 4.87 4.78
C ASN A 106 7.25 5.25 4.73
N LEU A 107 7.82 5.56 5.89
CA LEU A 107 9.23 5.92 5.97
C LEU A 107 10.11 4.76 5.56
N LEU A 108 9.66 3.54 5.81
CA LEU A 108 10.43 2.35 5.43
C LEU A 108 10.59 2.25 3.92
N ASP A 109 9.57 2.71 3.19
CA ASP A 109 9.58 2.70 1.74
C ASP A 109 10.28 3.92 1.16
N ILE A 110 10.12 5.06 1.83
CA ILE A 110 10.76 6.30 1.41
C ILE A 110 12.26 6.13 1.52
N GLU A 111 12.71 5.56 2.63
CA GLU A 111 14.14 5.31 2.86
C GLU A 111 14.72 4.44 1.73
N VAL A 112 13.97 3.42 1.28
CA VAL A 112 14.44 2.55 0.19
C VAL A 112 14.62 3.36 -1.09
N ALA A 113 13.60 4.14 -1.44
CA ALA A 113 13.63 4.95 -2.64
C ALA A 113 14.79 5.94 -2.67
N TYR A 114 15.03 6.63 -1.55
CA TYR A 114 16.11 7.59 -1.48
C TYR A 114 17.47 6.91 -1.59
N SER A 115 17.61 5.74 -0.98
CA SER A 115 18.86 5.01 -1.04
C SER A 115 19.17 4.49 -2.44
N LEU A 116 18.14 4.08 -3.16
CA LEU A 116 18.31 3.58 -4.53
C LEU A 116 18.71 4.74 -5.42
N LEU A 117 17.91 5.80 -5.36
CA LEU A 117 18.13 7.01 -6.15
C LEU A 117 19.54 7.57 -5.96
N ARG A 118 20.02 7.56 -4.72
CA ARG A 118 21.32 8.10 -4.36
C ARG A 118 22.58 7.38 -4.88
N GLY A 119 22.60 6.06 -4.82
CA GLY A 119 23.78 5.33 -5.28
C GLY A 119 23.65 4.68 -6.65
N GLY A 120 24.76 4.16 -7.16
CA GLY A 120 24.79 3.48 -8.44
C GLY A 120 24.59 4.27 -9.72
N ASN A 121 24.78 5.59 -9.68
CA ASN A 121 24.63 6.41 -10.88
C ASN A 121 25.99 6.69 -11.51
N GLU A 122 26.72 5.63 -11.81
CA GLU A 122 28.05 5.73 -12.39
C GLU A 122 28.16 5.06 -13.76
N ASP A 123 27.52 5.66 -14.76
CA ASP A 123 27.54 5.15 -16.13
C ASP A 123 27.83 6.23 -17.17
N GLY A 124 26.90 7.17 -17.32
CA GLY A 124 27.07 8.23 -18.30
C GLY A 124 26.49 7.82 -19.64
N ASP A 125 26.92 6.67 -20.14
CA ASP A 125 26.43 6.15 -21.41
C ASP A 125 24.93 5.88 -21.28
N LYS A 126 24.50 5.44 -20.10
CA LYS A 126 23.09 5.18 -19.86
C LYS A 126 22.46 6.45 -19.31
N ASP A 127 21.23 6.73 -19.76
CA ASP A 127 20.47 7.89 -19.31
C ASP A 127 20.06 7.64 -17.86
N PRO A 128 19.98 8.70 -17.02
CA PRO A 128 19.58 8.54 -15.62
C PRO A 128 18.26 7.81 -15.42
N ILE A 129 17.30 8.02 -16.33
CA ILE A 129 16.00 7.34 -16.26
C ILE A 129 16.22 5.83 -16.37
N ASP A 130 17.01 5.42 -17.36
CA ASP A 130 17.30 4.00 -17.57
C ASP A 130 17.95 3.41 -16.34
N ILE A 131 18.94 4.10 -15.80
CA ILE A 131 19.65 3.63 -14.61
C ILE A 131 18.73 3.41 -13.41
N ASN A 132 17.82 4.35 -13.15
CA ASN A 132 16.90 4.21 -12.04
C ASN A 132 15.93 3.07 -12.31
N TYR A 133 15.56 2.93 -13.58
CA TYR A 133 14.64 1.89 -14.00
C TYR A 133 15.20 0.54 -13.63
N GLU A 134 16.45 0.31 -13.98
CA GLU A 134 17.10 -0.97 -13.69
C GLU A 134 17.22 -1.24 -12.20
N LYS A 135 17.23 -0.18 -11.40
CA LYS A 135 17.32 -0.32 -9.94
C LYS A 135 16.07 -1.01 -9.37
N LEU A 136 14.95 -0.89 -10.07
CA LEU A 136 13.69 -1.47 -9.63
C LEU A 136 13.62 -3.00 -9.77
N ARG A 137 14.46 -3.56 -10.64
CA ARG A 137 14.51 -5.01 -10.88
C ARG A 137 13.10 -5.50 -11.23
N THR A 138 12.39 -4.69 -12.01
CA THR A 138 11.03 -4.98 -12.41
C THR A 138 10.88 -4.65 -13.87
N ASP A 139 10.39 -5.63 -14.63
CA ASP A 139 10.18 -5.42 -16.04
C ASP A 139 8.83 -4.73 -16.17
N ILE A 140 8.81 -3.58 -16.84
CA ILE A 140 7.58 -2.81 -17.02
C ILE A 140 7.29 -2.61 -18.51
N LYS A 141 6.05 -2.90 -18.91
CA LYS A 141 5.63 -2.74 -20.30
C LYS A 141 4.29 -2.06 -20.35
N VAL A 142 4.09 -1.19 -21.34
CA VAL A 142 2.84 -0.49 -21.47
C VAL A 142 1.81 -1.45 -22.05
N VAL A 143 0.62 -1.48 -21.45
CA VAL A 143 -0.45 -2.34 -21.95
C VAL A 143 -1.24 -1.56 -23.00
N ASP A 144 -1.54 -2.23 -24.11
CA ASP A 144 -2.26 -1.62 -25.23
C ASP A 144 -3.67 -1.18 -24.86
N LYS A 145 -3.98 0.08 -25.17
CA LYS A 145 -5.28 0.69 -24.87
C LYS A 145 -6.47 -0.06 -25.46
N ASP A 146 -6.31 -0.53 -26.69
CA ASP A 146 -7.37 -1.25 -27.37
C ASP A 146 -7.06 -2.74 -27.34
N SER A 147 -6.69 -3.21 -26.16
CA SER A 147 -6.36 -4.61 -25.93
C SER A 147 -7.55 -5.26 -25.22
N GLU A 148 -7.47 -6.56 -25.01
CA GLU A 148 -8.53 -7.27 -24.31
C GLU A 148 -8.29 -7.12 -22.81
N GLU A 149 -7.02 -7.18 -22.42
CA GLU A 149 -6.63 -7.02 -21.02
C GLU A 149 -7.06 -5.64 -20.53
N ALA A 150 -6.72 -4.61 -21.30
CA ALA A 150 -7.07 -3.23 -20.96
C ALA A 150 -8.57 -3.03 -20.80
N LYS A 151 -9.34 -3.58 -21.74
CA LYS A 151 -10.81 -3.47 -21.72
C LYS A 151 -11.38 -4.04 -20.45
N ILE A 152 -10.86 -5.20 -20.06
CA ILE A 152 -11.29 -5.88 -18.84
C ILE A 152 -10.90 -5.08 -17.60
N ILE A 153 -9.72 -4.46 -17.61
CA ILE A 153 -9.25 -3.67 -16.48
C ILE A 153 -10.02 -2.35 -16.33
N LYS A 154 -10.39 -1.74 -17.46
CA LYS A 154 -11.16 -0.50 -17.43
C LYS A 154 -12.56 -0.76 -16.89
N GLN A 155 -13.14 -1.91 -17.29
CA GLN A 155 -14.47 -2.33 -16.86
C GLN A 155 -14.48 -2.51 -15.35
N TYR A 156 -13.39 -3.10 -14.85
CA TYR A 156 -13.18 -3.37 -13.43
C TYR A 156 -13.15 -2.05 -12.65
N VAL A 157 -12.46 -1.04 -13.19
CA VAL A 157 -12.35 0.27 -12.55
C VAL A 157 -13.72 0.99 -12.54
N LYS A 158 -14.34 1.05 -13.71
CA LYS A 158 -15.64 1.70 -13.89
C LYS A 158 -16.78 1.08 -13.07
N ASN A 159 -16.93 -0.24 -13.15
CA ASN A 159 -18.01 -0.89 -12.43
C ASN A 159 -17.84 -0.97 -10.93
N THR A 160 -16.60 -1.08 -10.47
CA THR A 160 -16.35 -1.21 -9.03
C THR A 160 -16.13 0.05 -8.19
N HIS A 161 -16.50 1.21 -8.74
CA HIS A 161 -16.34 2.45 -7.98
C HIS A 161 -17.46 2.53 -6.93
N ALA A 162 -17.09 2.59 -5.65
CA ALA A 162 -18.04 2.63 -4.54
C ALA A 162 -18.94 3.87 -4.51
N ALA A 163 -20.19 3.64 -4.12
CA ALA A 163 -21.21 4.68 -4.03
C ALA A 163 -20.84 5.78 -3.06
N THR A 164 -20.36 5.39 -1.88
CA THR A 164 -19.99 6.36 -0.85
C THR A 164 -18.65 7.03 -1.14
N HIS A 165 -17.97 6.59 -2.19
CA HIS A 165 -16.68 7.16 -2.55
C HIS A 165 -16.75 8.06 -3.76
N ASN A 166 -17.84 8.81 -3.87
CA ASN A 166 -18.00 9.70 -5.00
C ASN A 166 -17.64 11.16 -4.75
N ALA A 167 -16.48 11.36 -4.13
CA ALA A 167 -15.95 12.69 -3.86
C ALA A 167 -15.03 13.00 -5.06
N TYR A 168 -14.94 12.05 -5.99
CA TYR A 168 -14.13 12.17 -7.17
C TYR A 168 -14.47 11.12 -8.21
N ASP A 169 -13.94 11.32 -9.41
CA ASP A 169 -14.11 10.40 -10.51
C ASP A 169 -12.74 9.79 -10.70
N LEU A 170 -12.67 8.75 -11.53
CA LEU A 170 -11.42 8.05 -11.78
C LEU A 170 -11.21 7.81 -13.27
N LYS A 171 -10.01 8.12 -13.77
CA LYS A 171 -9.71 7.88 -15.18
C LYS A 171 -8.41 7.12 -15.28
N VAL A 172 -8.44 6.03 -16.02
CA VAL A 172 -7.23 5.24 -16.22
C VAL A 172 -6.37 5.93 -17.27
N VAL A 173 -5.25 6.49 -16.83
CA VAL A 173 -4.33 7.18 -17.74
C VAL A 173 -3.45 6.18 -18.50
N GLU A 174 -2.81 5.27 -17.77
CA GLU A 174 -1.93 4.25 -18.36
C GLU A 174 -2.01 2.96 -17.56
N ILE A 175 -1.84 1.84 -18.24
CA ILE A 175 -1.84 0.53 -17.59
C ILE A 175 -0.51 -0.10 -17.95
N PHE A 176 0.22 -0.57 -16.95
CA PHE A 176 1.51 -1.20 -17.19
C PHE A 176 1.46 -2.62 -16.69
N ARG A 177 2.12 -3.50 -17.43
CA ARG A 177 2.24 -4.91 -17.05
C ARG A 177 3.58 -4.93 -16.32
N ILE A 178 3.60 -5.42 -15.11
CA ILE A 178 4.84 -5.47 -14.35
C ILE A 178 5.21 -6.85 -13.91
N GLU A 179 6.50 -7.14 -13.92
CA GLU A 179 6.97 -8.41 -13.47
C GLU A 179 8.22 -8.23 -12.62
N ARG A 180 8.07 -8.36 -11.31
CA ARG A 180 9.20 -8.22 -10.40
C ARG A 180 10.10 -9.44 -10.54
N GLU A 181 11.39 -9.20 -10.35
CA GLU A 181 12.39 -10.25 -10.46
C GLU A 181 12.23 -11.35 -9.42
N GLY A 182 12.08 -12.58 -9.90
CA GLY A 182 11.94 -13.74 -9.03
C GLY A 182 10.64 -13.89 -8.28
N GLU A 183 9.69 -12.98 -8.49
CA GLU A 183 8.41 -13.04 -7.80
C GLU A 183 7.54 -14.18 -8.32
N SER A 184 7.54 -14.38 -9.65
CA SER A 184 6.75 -15.45 -10.25
C SER A 184 7.19 -16.83 -9.74
N GLN A 185 8.48 -16.97 -9.44
CA GLN A 185 9.00 -18.24 -8.94
C GLN A 185 8.66 -18.42 -7.46
N ARG A 186 8.61 -17.31 -6.74
CA ARG A 186 8.30 -17.32 -5.32
C ARG A 186 6.85 -17.73 -5.12
N TYR A 187 6.01 -17.25 -6.04
CA TYR A 187 4.58 -17.50 -5.99
C TYR A 187 4.14 -18.83 -6.61
N LYS A 188 5.05 -19.47 -7.32
CA LYS A 188 4.74 -20.72 -7.99
C LYS A 188 3.97 -21.79 -7.23
N PRO A 189 4.36 -22.09 -5.98
CA PRO A 189 3.60 -23.11 -5.26
C PRO A 189 2.12 -22.83 -5.00
N PHE A 190 1.76 -21.54 -4.94
CA PHE A 190 0.37 -21.13 -4.70
C PHE A 190 -0.52 -21.25 -5.92
N LYS A 191 0.08 -21.60 -7.05
CA LYS A 191 -0.67 -21.80 -8.28
C LYS A 191 -1.51 -23.07 -8.08
N GLN A 192 -1.18 -23.82 -7.02
CA GLN A 192 -1.90 -25.06 -6.67
C GLN A 192 -3.20 -24.78 -5.92
N LEU A 193 -3.31 -23.59 -5.33
CA LEU A 193 -4.52 -23.21 -4.60
C LEU A 193 -5.67 -22.78 -5.50
N HIS A 194 -6.88 -22.93 -4.99
CA HIS A 194 -8.08 -22.53 -5.71
C HIS A 194 -8.40 -21.13 -5.21
N ASN A 195 -9.41 -20.50 -5.82
CA ASN A 195 -9.87 -19.17 -5.42
C ASN A 195 -8.74 -18.12 -5.52
N ARG A 196 -8.17 -18.01 -6.71
CA ARG A 196 -7.12 -17.03 -7.00
C ARG A 196 -7.83 -15.84 -7.68
N GLN A 197 -7.75 -14.66 -7.06
CA GLN A 197 -8.41 -13.47 -7.57
C GLN A 197 -7.48 -12.32 -7.92
N LEU A 198 -7.93 -11.44 -8.81
CA LEU A 198 -7.14 -10.27 -9.22
C LEU A 198 -7.70 -9.15 -8.36
N LEU A 199 -6.93 -8.71 -7.36
CA LEU A 199 -7.38 -7.67 -6.43
C LEU A 199 -6.57 -6.39 -6.44
N TRP A 200 -7.19 -5.33 -5.93
CA TRP A 200 -6.59 -3.99 -5.85
C TRP A 200 -5.72 -3.71 -4.63
N HIS A 201 -4.74 -2.83 -4.83
CA HIS A 201 -3.88 -2.40 -3.74
C HIS A 201 -3.39 -0.97 -4.00
N GLY A 202 -3.90 -0.01 -3.22
CA GLY A 202 -3.50 1.36 -3.39
C GLY A 202 -2.44 1.77 -2.39
N SER A 203 -1.61 2.73 -2.79
CA SER A 203 -0.56 3.24 -1.93
C SER A 203 -0.08 4.60 -2.47
N ARG A 204 0.63 5.35 -1.64
CA ARG A 204 1.17 6.66 -2.05
C ARG A 204 2.22 6.48 -3.12
N THR A 205 2.35 7.45 -4.01
CA THR A 205 3.35 7.38 -5.07
C THR A 205 4.76 7.22 -4.52
N THR A 206 5.00 7.79 -3.34
CA THR A 206 6.31 7.74 -2.67
C THR A 206 6.70 6.35 -2.15
N ASN A 207 5.74 5.43 -2.16
CA ASN A 207 5.97 4.07 -1.70
C ASN A 207 6.32 3.09 -2.80
N PHE A 208 6.14 3.50 -4.05
CA PHE A 208 6.38 2.60 -5.17
C PHE A 208 7.75 2.09 -5.55
N ALA A 209 8.81 2.85 -5.26
CA ALA A 209 10.16 2.37 -5.55
C ALA A 209 10.45 1.20 -4.58
N GLY A 210 9.86 1.27 -3.39
CA GLY A 210 10.03 0.23 -2.39
C GLY A 210 9.17 -0.98 -2.73
N ILE A 211 7.94 -0.74 -3.19
CA ILE A 211 7.00 -1.79 -3.56
C ILE A 211 7.52 -2.60 -4.75
N LEU A 212 8.04 -1.90 -5.75
CA LEU A 212 8.59 -2.56 -6.92
C LEU A 212 9.90 -3.30 -6.65
N SER A 213 10.80 -2.71 -5.88
CA SER A 213 12.08 -3.38 -5.61
C SER A 213 12.00 -4.43 -4.49
N GLN A 214 11.13 -4.22 -3.50
CA GLN A 214 11.00 -5.15 -2.38
C GLN A 214 9.74 -6.02 -2.45
N GLY A 215 8.74 -5.56 -3.18
CA GLY A 215 7.50 -6.28 -3.30
C GLY A 215 6.56 -5.80 -2.21
N LEU A 216 5.33 -6.27 -2.20
CA LEU A 216 4.43 -5.85 -1.13
C LEU A 216 4.94 -6.56 0.11
N ARG A 217 5.07 -5.80 1.19
CA ARG A 217 5.61 -6.32 2.43
C ARG A 217 4.66 -6.25 3.60
N ILE A 218 4.92 -7.11 4.58
CA ILE A 218 4.15 -7.18 5.80
C ILE A 218 4.88 -6.36 6.86
N ALA A 219 4.13 -5.70 7.74
CA ALA A 219 4.73 -4.88 8.78
C ALA A 219 5.74 -5.70 9.58
N PRO A 220 6.87 -5.07 9.95
CA PRO A 220 7.97 -5.68 10.72
C PRO A 220 7.50 -6.29 12.04
N PRO A 221 8.23 -7.29 12.55
CA PRO A 221 7.89 -7.96 13.81
C PRO A 221 7.88 -7.03 15.03
N GLU A 222 8.63 -5.94 14.93
CA GLU A 222 8.71 -4.96 16.02
C GLU A 222 7.43 -4.13 16.13
N ALA A 223 6.66 -4.07 15.05
CA ALA A 223 5.43 -3.29 14.99
C ALA A 223 4.27 -3.81 15.84
N PRO A 224 3.46 -2.89 16.40
CA PRO A 224 2.30 -3.22 17.23
C PRO A 224 1.19 -3.79 16.35
N VAL A 225 0.64 -4.92 16.76
CA VAL A 225 -0.43 -5.56 15.99
C VAL A 225 -1.66 -4.67 15.95
N THR A 226 -1.77 -3.79 16.94
CA THR A 226 -2.90 -2.86 17.08
C THR A 226 -3.03 -1.86 15.93
N GLY A 227 -1.89 -1.51 15.33
CA GLY A 227 -1.89 -0.57 14.22
C GLY A 227 -2.41 -1.14 12.91
N TYR A 228 -2.88 -2.39 12.96
CA TYR A 228 -3.42 -3.09 11.78
C TYR A 228 -4.65 -3.93 12.14
N MET A 229 -5.80 -3.52 11.60
CA MET A 229 -7.10 -4.16 11.84
C MET A 229 -7.02 -5.70 11.94
N PHE A 230 -6.93 -6.37 10.80
CA PHE A 230 -6.87 -7.83 10.79
C PHE A 230 -5.47 -8.39 10.97
N GLY A 231 -4.69 -7.78 11.84
CA GLY A 231 -3.35 -8.26 12.09
C GLY A 231 -2.37 -7.75 11.04
N LYS A 232 -1.14 -8.24 11.11
CA LYS A 232 -0.12 -7.83 10.16
C LYS A 232 -0.11 -8.71 8.90
N GLY A 233 -0.80 -8.23 7.87
CA GLY A 233 -0.86 -8.96 6.60
C GLY A 233 -0.84 -8.00 5.42
N ILE A 234 -1.16 -8.49 4.23
CA ILE A 234 -1.20 -7.63 3.03
C ILE A 234 -2.67 -7.44 2.67
N TYR A 235 -3.13 -6.18 2.66
CA TYR A 235 -4.53 -5.88 2.38
C TYR A 235 -4.87 -5.57 0.92
N PHE A 236 -6.02 -6.07 0.48
CA PHE A 236 -6.52 -5.87 -0.88
C PHE A 236 -8.03 -5.62 -0.85
N ALA A 237 -8.56 -5.10 -1.95
CA ALA A 237 -9.99 -4.82 -2.05
C ALA A 237 -10.53 -5.27 -3.42
N ASP A 238 -11.85 -5.37 -3.52
CA ASP A 238 -12.48 -5.74 -4.80
C ASP A 238 -13.20 -4.53 -5.42
N MET A 239 -13.28 -3.45 -4.65
CA MET A 239 -13.88 -2.18 -5.10
C MET A 239 -12.66 -1.25 -5.34
N VAL A 240 -12.49 -0.76 -6.56
CA VAL A 240 -11.35 0.09 -6.85
C VAL A 240 -11.26 1.34 -5.98
N SER A 241 -12.42 1.87 -5.60
CA SER A 241 -12.48 3.08 -4.80
C SER A 241 -12.02 2.93 -3.36
N LYS A 242 -12.13 1.74 -2.80
CA LYS A 242 -11.67 1.50 -1.43
C LYS A 242 -10.13 1.56 -1.39
N SER A 243 -9.50 1.02 -2.42
CA SER A 243 -8.05 1.02 -2.50
C SER A 243 -7.53 2.39 -2.94
N ALA A 244 -8.25 3.00 -3.88
CA ALA A 244 -7.86 4.30 -4.42
C ALA A 244 -7.78 5.37 -3.32
N ASN A 245 -8.52 5.17 -2.24
CA ASN A 245 -8.51 6.11 -1.12
C ASN A 245 -7.18 6.06 -0.39
N TYR A 246 -6.47 4.93 -0.53
CA TYR A 246 -5.16 4.75 0.09
C TYR A 246 -4.01 5.32 -0.70
N CYS A 247 -4.30 5.92 -1.86
CA CYS A 247 -3.28 6.53 -2.69
C CYS A 247 -2.94 7.92 -2.10
N HIS A 248 -3.89 8.48 -1.37
CA HIS A 248 -3.72 9.79 -0.73
C HIS A 248 -3.44 10.88 -1.74
N THR A 249 -4.37 11.07 -2.68
CA THR A 249 -4.24 12.09 -3.69
C THR A 249 -5.07 13.31 -3.26
N SER A 250 -5.03 14.37 -4.06
CA SER A 250 -5.74 15.62 -3.79
C SER A 250 -6.06 16.34 -5.09
N GLN A 251 -6.76 17.47 -5.02
CA GLN A 251 -7.05 18.23 -6.24
C GLN A 251 -5.77 18.96 -6.65
N ALA A 252 -4.85 19.13 -5.70
CA ALA A 252 -3.57 19.79 -5.95
C ALA A 252 -2.51 18.77 -6.39
N ASP A 253 -2.89 17.49 -6.34
CA ASP A 253 -2.02 16.38 -6.71
C ASP A 253 -2.95 15.17 -7.00
N PRO A 254 -3.65 15.21 -8.15
CA PRO A 254 -4.62 14.22 -8.63
C PRO A 254 -4.17 12.91 -9.27
N ILE A 255 -2.89 12.72 -9.51
CA ILE A 255 -2.42 11.48 -10.12
C ILE A 255 -1.99 10.44 -9.09
N GLY A 256 -2.68 9.31 -9.09
CA GLY A 256 -2.33 8.26 -8.14
C GLY A 256 -1.90 7.00 -8.85
N LEU A 257 -1.30 6.07 -8.10
CA LEU A 257 -0.86 4.80 -8.64
C LEU A 257 -1.53 3.68 -7.86
N ILE A 258 -1.91 2.61 -8.55
CA ILE A 258 -2.59 1.51 -7.90
C ILE A 258 -2.18 0.18 -8.54
N LEU A 259 -2.14 -0.88 -7.75
CA LEU A 259 -1.73 -2.18 -8.23
C LEU A 259 -2.87 -3.19 -8.39
N LEU A 260 -2.68 -4.13 -9.31
CA LEU A 260 -3.61 -5.22 -9.51
C LEU A 260 -2.74 -6.46 -9.31
N GLY A 261 -3.04 -7.23 -8.27
CA GLY A 261 -2.25 -8.41 -8.01
C GLY A 261 -3.07 -9.68 -7.94
N GLU A 262 -2.48 -10.77 -8.40
CA GLU A 262 -3.14 -12.06 -8.34
C GLU A 262 -2.86 -12.58 -6.95
N VAL A 263 -3.90 -12.75 -6.14
CA VAL A 263 -3.72 -13.22 -4.78
C VAL A 263 -4.38 -14.58 -4.50
N ALA A 264 -3.56 -15.53 -4.05
CA ALA A 264 -4.01 -16.89 -3.74
C ALA A 264 -4.75 -16.93 -2.40
N LEU A 265 -6.06 -16.81 -2.46
CA LEU A 265 -6.88 -16.81 -1.26
C LEU A 265 -7.22 -18.19 -0.67
N GLY A 266 -7.46 -19.19 -1.51
CA GLY A 266 -7.82 -20.51 -1.02
C GLY A 266 -9.11 -20.49 -0.22
N ASN A 267 -9.14 -21.20 0.91
CA ASN A 267 -10.28 -21.22 1.81
C ASN A 267 -10.21 -19.97 2.67
N MET A 268 -11.21 -19.12 2.55
CA MET A 268 -11.23 -17.86 3.30
C MET A 268 -11.85 -17.94 4.69
N TYR A 269 -11.22 -17.27 5.64
CA TYR A 269 -11.68 -17.18 7.03
C TYR A 269 -12.45 -15.86 7.11
N GLU A 270 -13.74 -15.94 6.82
CA GLU A 270 -14.62 -14.77 6.79
C GLU A 270 -15.00 -14.14 8.12
N LEU A 271 -14.64 -12.88 8.29
CA LEU A 271 -14.91 -12.11 9.52
C LEU A 271 -15.87 -10.94 9.32
N LYS A 272 -16.74 -10.71 10.29
CA LYS A 272 -17.71 -9.60 10.24
C LYS A 272 -17.21 -8.39 11.01
N ASN A 273 -16.22 -8.60 11.87
CA ASN A 273 -15.65 -7.52 12.66
C ASN A 273 -14.14 -7.66 12.80
N ALA A 274 -13.48 -6.55 13.13
CA ALA A 274 -12.04 -6.51 13.29
C ALA A 274 -11.53 -7.61 14.23
N SER A 275 -10.28 -8.00 14.01
CA SER A 275 -9.67 -9.03 14.84
C SER A 275 -8.18 -9.03 14.57
N HIS A 276 -7.41 -8.73 15.60
CA HIS A 276 -5.96 -8.67 15.51
C HIS A 276 -5.37 -10.10 15.50
N ILE A 277 -5.67 -10.79 14.40
CA ILE A 277 -5.27 -12.16 14.12
C ILE A 277 -3.76 -12.37 14.09
N THR A 278 -3.32 -13.46 14.69
CA THR A 278 -1.91 -13.80 14.75
C THR A 278 -1.58 -14.92 13.75
N LYS A 279 -2.45 -15.91 13.67
CA LYS A 279 -2.24 -17.02 12.75
C LYS A 279 -3.54 -17.68 12.31
N LEU A 280 -3.53 -18.22 11.10
CA LEU A 280 -4.69 -18.86 10.51
C LEU A 280 -5.11 -20.19 11.11
N PRO A 281 -6.42 -20.35 11.31
CA PRO A 281 -6.99 -21.57 11.86
C PRO A 281 -6.72 -22.63 10.81
N LYS A 282 -6.56 -23.88 11.23
CA LYS A 282 -6.29 -24.96 10.29
C LYS A 282 -7.26 -24.94 9.12
N GLY A 283 -6.70 -25.04 7.92
CA GLY A 283 -7.48 -25.05 6.69
C GLY A 283 -7.77 -23.70 6.07
N LYS A 284 -7.23 -22.64 6.66
CA LYS A 284 -7.44 -21.29 6.15
C LYS A 284 -6.17 -20.73 5.52
N HIS A 285 -6.35 -20.01 4.42
CA HIS A 285 -5.22 -19.43 3.70
C HIS A 285 -5.28 -17.91 3.67
N SER A 286 -6.42 -17.37 4.06
CA SER A 286 -6.61 -15.94 4.04
C SER A 286 -7.78 -15.52 4.91
N VAL A 287 -7.95 -14.21 5.06
CA VAL A 287 -9.06 -13.64 5.84
C VAL A 287 -9.89 -12.78 4.91
N LYS A 288 -11.19 -12.77 5.12
CA LYS A 288 -12.06 -11.94 4.32
C LYS A 288 -13.04 -11.16 5.18
N GLY A 289 -12.80 -9.85 5.28
CA GLY A 289 -13.69 -8.99 6.02
C GLY A 289 -14.91 -8.83 5.15
N LEU A 290 -16.07 -9.24 5.66
CA LEU A 290 -17.32 -9.17 4.92
C LEU A 290 -17.89 -7.77 4.88
N GLY A 291 -18.20 -7.30 3.67
CA GLY A 291 -18.75 -5.96 3.52
C GLY A 291 -20.21 -6.01 3.14
N LYS A 292 -20.89 -4.89 3.31
CA LYS A 292 -22.31 -4.79 2.97
C LYS A 292 -22.53 -4.69 1.47
N THR A 293 -21.46 -4.36 0.75
CA THR A 293 -21.52 -4.23 -0.70
C THR A 293 -20.31 -4.87 -1.37
N ALA A 294 -20.52 -5.49 -2.52
CA ALA A 294 -19.46 -6.14 -3.27
C ALA A 294 -19.93 -6.37 -4.70
N PRO A 295 -18.98 -6.58 -5.64
CA PRO A 295 -19.30 -6.80 -7.05
C PRO A 295 -20.31 -7.91 -7.34
N ASP A 296 -21.04 -7.69 -8.43
CA ASP A 296 -22.08 -8.59 -8.92
C ASP A 296 -21.43 -9.91 -9.35
N PRO A 297 -21.60 -10.97 -8.54
CA PRO A 297 -21.07 -12.32 -8.74
C PRO A 297 -21.36 -12.91 -10.11
N THR A 298 -22.47 -12.48 -10.71
CA THR A 298 -22.87 -12.97 -12.03
C THR A 298 -21.93 -12.42 -13.10
N ALA A 299 -21.39 -11.23 -12.84
CA ALA A 299 -20.49 -10.59 -13.78
C ALA A 299 -19.02 -11.00 -13.66
N THR A 300 -18.67 -11.76 -12.62
CA THR A 300 -17.29 -12.20 -12.40
C THR A 300 -16.72 -12.95 -13.61
N THR A 301 -15.56 -12.48 -14.10
CA THR A 301 -14.92 -13.08 -15.26
C THR A 301 -13.54 -13.66 -14.93
N THR A 302 -12.79 -14.04 -15.97
CA THR A 302 -11.48 -14.63 -15.81
C THR A 302 -10.44 -13.93 -16.70
N LEU A 303 -9.21 -13.85 -16.21
CA LEU A 303 -8.12 -13.24 -16.95
C LEU A 303 -6.90 -14.10 -16.64
N ASP A 304 -6.59 -15.02 -17.55
CA ASP A 304 -5.48 -15.96 -17.42
C ASP A 304 -5.71 -16.95 -16.27
N GLY A 305 -6.96 -17.40 -16.14
CA GLY A 305 -7.34 -18.35 -15.11
C GLY A 305 -7.58 -17.76 -13.74
N VAL A 306 -7.44 -16.44 -13.63
CA VAL A 306 -7.64 -15.74 -12.36
C VAL A 306 -8.97 -15.00 -12.41
N GLU A 307 -9.75 -15.14 -11.35
CA GLU A 307 -11.04 -14.49 -11.29
C GLU A 307 -10.90 -12.99 -11.14
N VAL A 308 -11.74 -12.26 -11.87
CA VAL A 308 -11.77 -10.80 -11.84
C VAL A 308 -13.19 -10.37 -11.46
N PRO A 309 -13.40 -10.02 -10.17
CA PRO A 309 -14.72 -9.60 -9.69
C PRO A 309 -15.14 -8.20 -10.17
N LEU A 310 -15.34 -8.04 -11.48
CA LEU A 310 -15.69 -6.75 -12.06
C LEU A 310 -17.17 -6.35 -12.13
N GLY A 311 -18.05 -7.16 -11.56
CA GLY A 311 -19.47 -6.85 -11.57
C GLY A 311 -19.77 -5.55 -10.86
N ASN A 312 -20.99 -5.04 -11.02
CA ASN A 312 -21.38 -3.79 -10.38
C ASN A 312 -21.64 -3.92 -8.89
N GLY A 313 -21.30 -2.86 -8.15
CA GLY A 313 -21.49 -2.85 -6.71
C GLY A 313 -22.90 -3.21 -6.32
N ILE A 314 -23.05 -4.43 -5.81
CA ILE A 314 -24.32 -5.00 -5.39
C ILE A 314 -24.36 -5.23 -3.88
N SER A 315 -25.56 -5.22 -3.29
CA SER A 315 -25.70 -5.45 -1.85
C SER A 315 -25.51 -6.93 -1.57
N THR A 316 -24.56 -7.25 -0.70
CA THR A 316 -24.25 -8.64 -0.36
C THR A 316 -25.32 -9.38 0.41
N GLY A 317 -26.03 -8.66 1.29
CA GLY A 317 -27.06 -9.29 2.09
C GLY A 317 -26.49 -9.63 3.46
N ILE A 318 -25.16 -9.62 3.56
CA ILE A 318 -24.46 -9.90 4.81
C ILE A 318 -24.43 -8.58 5.58
N ASN A 319 -25.55 -7.86 5.51
CA ASN A 319 -25.69 -6.55 6.14
C ASN A 319 -25.86 -6.61 7.67
N ASP A 320 -24.77 -6.98 8.34
CA ASP A 320 -24.71 -7.08 9.80
C ASP A 320 -23.24 -7.12 10.20
N THR A 321 -22.44 -6.40 9.42
CA THR A 321 -20.99 -6.33 9.61
C THR A 321 -20.50 -4.90 9.81
N CYS A 322 -19.26 -4.78 10.29
CA CYS A 322 -18.63 -3.49 10.52
C CYS A 322 -18.25 -2.83 9.20
N LEU A 323 -17.67 -3.62 8.31
CA LEU A 323 -17.22 -3.14 7.01
C LEU A 323 -18.32 -2.88 5.97
N LEU A 324 -18.15 -1.78 5.24
CA LEU A 324 -19.12 -1.41 4.20
C LEU A 324 -18.74 -2.08 2.88
N TYR A 325 -17.46 -2.42 2.75
CA TYR A 325 -16.92 -3.09 1.55
C TYR A 325 -15.92 -4.15 2.03
N ASN A 326 -15.79 -5.23 1.25
CA ASN A 326 -14.87 -6.33 1.57
C ASN A 326 -13.42 -5.90 1.72
N GLU A 327 -12.65 -6.80 2.33
CA GLU A 327 -11.22 -6.63 2.55
C GLU A 327 -10.63 -8.03 2.46
N TYR A 328 -9.45 -8.14 1.83
CA TYR A 328 -8.79 -9.43 1.72
C TYR A 328 -7.38 -9.32 2.29
N ILE A 329 -7.04 -10.24 3.18
CA ILE A 329 -5.75 -10.23 3.84
C ILE A 329 -5.02 -11.57 3.76
N VAL A 330 -3.76 -11.52 3.32
CA VAL A 330 -2.91 -12.69 3.25
C VAL A 330 -1.74 -12.44 4.20
N TYR A 331 -1.29 -13.50 4.87
CA TYR A 331 -0.19 -13.36 5.82
C TYR A 331 1.09 -14.01 5.37
N ASP A 332 1.23 -14.15 4.05
CA ASP A 332 2.44 -14.71 3.46
C ASP A 332 2.75 -13.87 2.25
N VAL A 333 3.94 -13.30 2.27
CA VAL A 333 4.41 -12.45 1.21
C VAL A 333 4.43 -13.16 -0.16
N ALA A 334 4.65 -14.48 -0.14
CA ALA A 334 4.70 -15.28 -1.36
C ALA A 334 3.33 -15.61 -1.96
N GLN A 335 2.26 -15.25 -1.27
CA GLN A 335 0.92 -15.50 -1.76
C GLN A 335 0.41 -14.44 -2.71
N VAL A 336 1.28 -13.53 -3.12
CA VAL A 336 0.90 -12.45 -4.02
C VAL A 336 1.80 -12.38 -5.25
N ASN A 337 1.19 -12.12 -6.41
CA ASN A 337 1.91 -11.98 -7.66
C ASN A 337 1.37 -10.73 -8.38
N LEU A 338 2.13 -9.63 -8.27
CA LEU A 338 1.77 -8.36 -8.89
C LEU A 338 1.71 -8.52 -10.41
N LYS A 339 0.67 -7.97 -11.01
CA LYS A 339 0.47 -8.08 -12.45
C LYS A 339 0.42 -6.77 -13.20
N TYR A 340 -0.36 -5.82 -12.69
CA TYR A 340 -0.51 -4.53 -13.35
C TYR A 340 -0.35 -3.35 -12.43
N LEU A 341 0.11 -2.24 -13.01
CA LEU A 341 0.29 -0.99 -12.28
C LEU A 341 -0.52 0.01 -13.11
N LEU A 342 -1.48 0.68 -12.49
CA LEU A 342 -2.28 1.65 -13.21
C LEU A 342 -2.00 3.05 -12.74
N LYS A 343 -1.93 3.98 -13.70
CA LYS A 343 -1.73 5.38 -13.39
C LYS A 343 -3.12 5.98 -13.51
N LEU A 344 -3.66 6.44 -12.38
CA LEU A 344 -5.00 6.99 -12.34
C LEU A 344 -5.04 8.50 -12.20
N LYS A 345 -6.12 9.07 -12.70
CA LYS A 345 -6.36 10.50 -12.66
C LYS A 345 -7.63 10.69 -11.87
N PHE A 346 -7.48 11.25 -10.68
CA PHE A 346 -8.60 11.51 -9.80
C PHE A 346 -9.20 12.84 -10.17
N ASN A 347 -10.41 12.81 -10.70
CA ASN A 347 -11.08 14.05 -11.05
C ASN A 347 -12.02 14.44 -9.93
N TYR A 348 -11.51 15.25 -9.01
CA TYR A 348 -12.30 15.70 -7.88
C TYR A 348 -13.44 16.61 -8.29
N LYS A 349 -14.66 16.17 -7.98
CA LYS A 349 -15.87 16.89 -8.30
C LYS A 349 -16.14 18.06 -7.38
N THR A 350 -16.89 19.02 -7.90
CA THR A 350 -17.25 20.22 -7.16
C THR A 350 -18.77 20.33 -6.97
C1 BZC B . -6.03 -1.50 2.56
N2 BZC B . -5.06 -0.97 3.34
C3 BZC B . -5.38 -1.14 4.66
N4 BZC B . -6.60 -1.80 4.71
C5 BZC B . -7.01 -2.03 3.43
C7 BZC B . -8.14 -2.64 2.88
C4 BZC B . -6.18 -1.58 1.16
C19 BZC B . -4.50 -0.65 5.79
C2 BZC B . -7.32 -2.20 0.62
C6 BZC B . -8.29 -2.72 1.49
C8 BZC B . -5.15 -1.06 0.27
N1 BZC B . -4.03 -0.51 0.76
O1 BZC B . -5.30 -1.13 -0.94
C11 BZC B . -3.58 0.40 5.53
C12 BZC B . -4.55 -1.23 7.06
C13 BZC B . -2.73 0.83 6.55
O2 BZC B . -1.81 1.91 6.36
C15 BZC B . -2.79 0.23 7.83
C17 BZC B . -3.70 -0.79 8.09
C18 BZC B . -1.97 2.80 5.28
#